data_1BH4
#
_entry.id   1BH4
#
_cell.length_a   1.000
_cell.length_b   1.000
_cell.length_c   1.000
_cell.angle_alpha   90.00
_cell.angle_beta   90.00
_cell.angle_gamma   90.00
#
_symmetry.space_group_name_H-M   'P 1'
#
_entity_poly.entity_id   1
_entity_poly.type   'polypeptide(L)'
_entity_poly.pdbx_seq_one_letter_code
;CGESCVWIPCISAALGCSCKNKVCYRNGIP
;
_entity_poly.pdbx_strand_id   A
#
# COMPACT_ATOMS: atom_id res chain seq x y z
N CYS A 1 3.87 -5.18 -0.34
CA CYS A 1 3.46 -4.98 -1.76
C CYS A 1 4.27 -3.82 -2.34
N GLY A 2 4.38 -2.77 -1.57
CA GLY A 2 5.14 -1.58 -2.01
C GLY A 2 5.81 -0.91 -0.81
N GLU A 3 5.09 -0.02 -0.20
CA GLU A 3 5.59 0.75 1.00
C GLU A 3 4.60 1.82 1.47
N SER A 4 5.06 2.62 2.39
CA SER A 4 4.23 3.72 2.97
C SER A 4 3.56 4.60 1.92
N CYS A 5 2.41 5.06 2.34
CA CYS A 5 1.53 5.94 1.51
C CYS A 5 1.16 7.20 2.30
N VAL A 6 2.10 7.66 3.08
CA VAL A 6 1.89 8.89 3.92
C VAL A 6 1.72 10.12 3.03
N TRP A 7 2.74 10.38 2.24
CA TRP A 7 2.73 11.56 1.32
C TRP A 7 1.69 11.39 0.20
N ILE A 8 1.77 10.26 -0.46
CA ILE A 8 0.84 9.94 -1.58
C ILE A 8 0.26 8.52 -1.41
N PRO A 9 -0.91 8.27 -1.94
CA PRO A 9 -1.51 6.90 -2.00
C PRO A 9 -0.81 6.03 -3.06
N CYS A 10 -1.08 4.76 -3.01
CA CYS A 10 -0.49 3.79 -3.98
C CYS A 10 -1.34 3.72 -5.26
N ILE A 11 -0.88 2.92 -6.19
CA ILE A 11 -1.58 2.72 -7.49
C ILE A 11 -1.85 1.23 -7.66
N SER A 12 -0.82 0.49 -7.96
CA SER A 12 -0.93 -0.98 -8.15
C SER A 12 -1.35 -1.63 -6.82
N ALA A 13 -0.74 -1.15 -5.77
CA ALA A 13 -1.02 -1.66 -4.40
C ALA A 13 -2.30 -1.02 -3.80
N ALA A 14 -3.05 -0.35 -4.65
CA ALA A 14 -4.31 0.31 -4.19
C ALA A 14 -5.47 -0.67 -4.43
N LEU A 15 -5.54 -1.16 -5.64
CA LEU A 15 -6.61 -2.13 -6.02
C LEU A 15 -6.37 -3.49 -5.34
N GLY A 16 -5.31 -4.15 -5.73
CA GLY A 16 -4.97 -5.48 -5.15
C GLY A 16 -4.72 -5.32 -3.65
N CYS A 17 -3.58 -4.77 -3.33
CA CYS A 17 -3.21 -4.54 -1.90
C CYS A 17 -4.02 -3.34 -1.38
N SER A 18 -3.73 -2.88 -0.18
CA SER A 18 -4.48 -1.72 0.40
C SER A 18 -3.58 -0.89 1.33
N CYS A 19 -3.73 0.41 1.24
CA CYS A 19 -2.91 1.32 2.10
C CYS A 19 -3.54 1.43 3.49
N LYS A 20 -2.82 0.93 4.47
CA LYS A 20 -3.29 0.96 5.88
C LYS A 20 -2.05 1.11 6.78
N ASN A 21 -2.19 1.99 7.76
CA ASN A 21 -1.09 2.27 8.73
C ASN A 21 0.24 2.53 8.00
N LYS A 22 0.25 3.64 7.30
CA LYS A 22 1.43 4.11 6.50
C LYS A 22 2.21 3.00 5.76
N VAL A 23 1.47 2.08 5.17
CA VAL A 23 2.08 0.95 4.43
C VAL A 23 1.12 0.50 3.30
N CYS A 24 1.63 0.28 2.11
CA CYS A 24 0.74 -0.15 0.97
C CYS A 24 0.89 -1.67 0.80
N TYR A 25 0.62 -2.37 1.88
CA TYR A 25 0.71 -3.87 1.90
C TYR A 25 -0.67 -4.51 1.74
N ARG A 26 -0.65 -5.79 1.51
CA ARG A 26 -1.93 -6.56 1.34
C ARG A 26 -2.28 -7.14 2.72
N ASN A 27 -2.06 -6.31 3.72
CA ASN A 27 -2.32 -6.68 5.14
C ASN A 27 -1.56 -7.94 5.54
N GLY A 28 -0.35 -8.04 5.06
CA GLY A 28 0.50 -9.23 5.37
C GLY A 28 1.77 -9.32 4.52
N ILE A 29 1.69 -8.88 3.28
CA ILE A 29 2.88 -8.93 2.37
C ILE A 29 3.35 -7.50 2.02
N PRO A 30 4.64 -7.26 1.99
CA PRO A 30 5.20 -5.99 1.48
C PRO A 30 4.93 -5.88 -0.03
N CYS A 1 3.74 -5.04 -0.87
CA CYS A 1 3.26 -4.73 -2.24
C CYS A 1 4.08 -3.55 -2.75
N GLY A 2 4.25 -2.58 -1.88
CA GLY A 2 5.02 -1.36 -2.24
C GLY A 2 5.67 -0.80 -0.98
N GLU A 3 4.94 0.09 -0.35
CA GLU A 3 5.39 0.78 0.91
C GLU A 3 4.40 1.89 1.29
N SER A 4 4.83 2.75 2.17
CA SER A 4 3.99 3.89 2.66
C SER A 4 3.20 4.62 1.56
N CYS A 5 2.06 5.06 2.00
CA CYS A 5 1.09 5.79 1.16
C CYS A 5 0.45 6.89 2.01
N VAL A 6 1.27 7.43 2.88
CA VAL A 6 0.83 8.52 3.80
C VAL A 6 0.59 9.82 3.03
N TRP A 7 1.64 10.30 2.40
CA TRP A 7 1.58 11.56 1.60
C TRP A 7 0.66 11.43 0.39
N ILE A 8 0.87 10.38 -0.35
CA ILE A 8 0.07 10.09 -1.57
C ILE A 8 -0.40 8.62 -1.58
N PRO A 9 -1.40 8.32 -2.38
CA PRO A 9 -1.82 6.90 -2.62
C PRO A 9 -0.71 6.15 -3.38
N CYS A 10 -0.68 4.86 -3.17
CA CYS A 10 0.36 4.01 -3.86
C CYS A 10 0.13 3.91 -5.37
N ILE A 11 1.14 3.44 -6.03
CA ILE A 11 1.10 3.27 -7.52
C ILE A 11 0.56 1.86 -7.84
N SER A 12 0.95 0.91 -7.02
CA SER A 12 0.51 -0.49 -7.20
C SER A 12 -0.92 -0.67 -6.64
N ALA A 13 -1.04 -1.39 -5.54
CA ALA A 13 -2.36 -1.64 -4.89
C ALA A 13 -3.39 -2.38 -5.79
N ALA A 14 -3.00 -2.65 -7.01
CA ALA A 14 -3.89 -3.34 -7.99
C ALA A 14 -3.98 -4.85 -7.69
N LEU A 15 -2.90 -5.39 -7.18
CA LEU A 15 -2.84 -6.84 -6.84
C LEU A 15 -3.97 -7.22 -5.86
N GLY A 16 -4.23 -6.30 -4.97
CA GLY A 16 -5.28 -6.47 -3.93
C GLY A 16 -4.86 -5.77 -2.64
N CYS A 17 -3.71 -5.15 -2.68
CA CYS A 17 -3.16 -4.42 -1.49
C CYS A 17 -4.06 -3.24 -1.08
N SER A 18 -4.04 -2.96 0.19
CA SER A 18 -4.85 -1.86 0.78
C SER A 18 -3.93 -1.04 1.70
N CYS A 19 -3.95 0.26 1.54
CA CYS A 19 -3.08 1.13 2.39
C CYS A 19 -3.61 1.17 3.83
N LYS A 20 -2.75 0.75 4.72
CA LYS A 20 -3.07 0.71 6.18
C LYS A 20 -1.76 0.74 6.97
N ASN A 21 -1.79 1.38 8.11
CA ASN A 21 -0.59 1.50 8.99
C ASN A 21 0.60 2.04 8.18
N LYS A 22 0.36 3.20 7.60
CA LYS A 22 1.35 3.93 6.74
C LYS A 22 2.22 3.04 5.84
N VAL A 23 1.59 2.04 5.29
CA VAL A 23 2.27 1.07 4.38
C VAL A 23 1.20 0.56 3.39
N CYS A 24 1.61 0.33 2.16
CA CYS A 24 0.66 -0.18 1.13
C CYS A 24 0.84 -1.68 0.89
N TYR A 25 0.53 -2.44 1.89
CA TYR A 25 0.66 -3.94 1.82
C TYR A 25 -0.74 -4.58 1.78
N ARG A 26 -0.75 -5.85 1.51
CA ARG A 26 -2.03 -6.62 1.43
C ARG A 26 -2.19 -7.33 2.79
N ASN A 27 -1.80 -6.61 3.81
CA ASN A 27 -1.86 -7.09 5.22
C ASN A 27 -1.07 -8.41 5.36
N GLY A 28 0.09 -8.43 4.75
CA GLY A 28 0.95 -9.64 4.82
C GLY A 28 2.09 -9.64 3.79
N ILE A 29 1.84 -9.05 2.65
CA ILE A 29 2.88 -8.99 1.57
C ILE A 29 3.34 -7.53 1.37
N PRO A 30 4.63 -7.32 1.22
CA PRO A 30 5.15 -5.98 0.81
C PRO A 30 4.81 -5.77 -0.67
N CYS A 1 3.74 -5.10 -0.70
CA CYS A 1 3.32 -4.79 -2.10
C CYS A 1 4.24 -3.67 -2.60
N GLY A 2 4.37 -2.66 -1.78
CA GLY A 2 5.23 -1.50 -2.13
C GLY A 2 5.83 -0.91 -0.86
N GLU A 3 5.08 0.02 -0.29
CA GLU A 3 5.49 0.72 0.96
C GLU A 3 4.49 1.83 1.32
N SER A 4 4.91 2.68 2.22
CA SER A 4 4.09 3.83 2.71
C SER A 4 3.34 4.59 1.62
N CYS A 5 2.19 5.03 2.06
CA CYS A 5 1.23 5.81 1.24
C CYS A 5 0.73 7.00 2.07
N VAL A 6 1.68 7.64 2.71
CA VAL A 6 1.37 8.82 3.57
C VAL A 6 1.22 10.07 2.68
N TRP A 7 2.31 10.45 2.08
CA TRP A 7 2.33 11.65 1.19
C TRP A 7 1.50 11.40 -0.07
N ILE A 8 1.69 10.25 -0.66
CA ILE A 8 0.97 9.84 -1.90
C ILE A 8 0.09 8.61 -1.61
N PRO A 9 -0.82 8.29 -2.49
CA PRO A 9 -1.51 6.96 -2.48
C PRO A 9 -0.55 5.87 -3.02
N CYS A 10 -1.09 4.69 -3.22
CA CYS A 10 -0.28 3.55 -3.74
C CYS A 10 -0.05 3.74 -5.26
N ILE A 11 0.42 2.70 -5.90
CA ILE A 11 0.68 2.73 -7.37
C ILE A 11 0.18 1.41 -7.98
N SER A 12 0.70 0.33 -7.48
CA SER A 12 0.32 -1.03 -7.96
C SER A 12 -1.19 -1.30 -7.79
N ALA A 13 -1.58 -1.72 -6.60
CA ALA A 13 -3.01 -2.03 -6.28
C ALA A 13 -3.53 -3.27 -7.03
N ALA A 14 -2.82 -3.70 -8.05
CA ALA A 14 -3.22 -4.89 -8.85
C ALA A 14 -3.09 -6.14 -7.97
N LEU A 15 -2.10 -6.10 -7.11
CA LEU A 15 -1.84 -7.23 -6.17
C LEU A 15 -2.97 -7.35 -5.14
N GLY A 16 -3.89 -6.41 -5.18
CA GLY A 16 -5.03 -6.37 -4.25
C GLY A 16 -4.63 -5.73 -2.92
N CYS A 17 -3.60 -4.91 -2.99
CA CYS A 17 -3.10 -4.21 -1.77
C CYS A 17 -4.05 -3.10 -1.32
N SER A 18 -3.88 -2.73 -0.07
CA SER A 18 -4.70 -1.66 0.56
C SER A 18 -3.80 -0.90 1.54
N CYS A 19 -3.85 0.41 1.46
CA CYS A 19 -3.00 1.23 2.38
C CYS A 19 -3.53 1.16 3.81
N LYS A 20 -2.74 0.52 4.63
CA LYS A 20 -3.07 0.34 6.08
C LYS A 20 -1.80 0.57 6.90
N ASN A 21 -1.94 1.39 7.91
CA ASN A 21 -0.80 1.73 8.83
C ASN A 21 0.43 2.23 8.04
N LYS A 22 0.23 3.38 7.44
CA LYS A 22 1.28 4.07 6.61
C LYS A 22 2.19 3.13 5.79
N VAL A 23 1.58 2.10 5.27
CA VAL A 23 2.26 1.07 4.45
C VAL A 23 1.23 0.53 3.45
N CYS A 24 1.60 0.37 2.20
CA CYS A 24 0.62 -0.16 1.19
C CYS A 24 0.91 -1.63 0.88
N TYR A 25 0.44 -2.47 1.77
CA TYR A 25 0.63 -3.96 1.65
C TYR A 25 -0.73 -4.64 1.45
N ARG A 26 -0.67 -5.91 1.13
CA ARG A 26 -1.90 -6.72 0.90
C ARG A 26 -2.25 -7.43 2.22
N ASN A 27 -2.11 -6.68 3.28
CA ASN A 27 -2.40 -7.18 4.67
C ASN A 27 -1.58 -8.44 5.00
N GLY A 28 -0.33 -8.41 4.59
CA GLY A 28 0.56 -9.58 4.85
C GLY A 28 1.81 -9.61 3.96
N ILE A 29 1.68 -9.17 2.74
CA ILE A 29 2.83 -9.15 1.79
C ILE A 29 3.28 -7.70 1.51
N PRO A 30 4.57 -7.44 1.46
CA PRO A 30 5.07 -6.11 1.03
C PRO A 30 4.76 -5.89 -0.45
N CYS A 1 3.46 -5.11 -0.75
CA CYS A 1 3.33 -4.84 -2.23
C CYS A 1 4.39 -3.80 -2.60
N GLY A 2 4.48 -2.78 -1.79
CA GLY A 2 5.46 -1.70 -2.04
C GLY A 2 5.87 -1.09 -0.70
N GLU A 3 5.11 -0.12 -0.26
CA GLU A 3 5.39 0.58 1.03
C GLU A 3 4.40 1.73 1.32
N SER A 4 4.79 2.54 2.29
CA SER A 4 4.01 3.72 2.75
C SER A 4 3.22 4.53 1.74
N CYS A 5 2.10 4.96 2.26
CA CYS A 5 1.10 5.78 1.54
C CYS A 5 1.07 7.21 2.10
N VAL A 6 2.14 7.52 2.77
CA VAL A 6 2.32 8.86 3.40
C VAL A 6 2.75 9.87 2.34
N TRP A 7 3.96 9.70 1.87
CA TRP A 7 4.54 10.59 0.82
C TRP A 7 3.70 10.50 -0.46
N ILE A 8 3.26 9.30 -0.72
CA ILE A 8 2.42 9.01 -1.91
C ILE A 8 1.69 7.67 -1.71
N PRO A 9 0.37 7.71 -1.62
CA PRO A 9 -0.47 6.48 -1.71
C PRO A 9 -0.25 5.79 -3.06
N CYS A 10 -0.25 4.48 -3.01
CA CYS A 10 -0.04 3.67 -4.25
C CYS A 10 -1.19 3.82 -5.26
N ILE A 11 -1.01 3.17 -6.38
CA ILE A 11 -2.00 3.18 -7.48
C ILE A 11 -2.16 1.73 -7.98
N SER A 12 -1.05 1.19 -8.41
CA SER A 12 -1.01 -0.21 -8.92
C SER A 12 -1.19 -1.16 -7.73
N ALA A 13 -0.37 -0.96 -6.73
CA ALA A 13 -0.42 -1.79 -5.50
C ALA A 13 -1.72 -1.51 -4.71
N ALA A 14 -2.32 -0.37 -4.99
CA ALA A 14 -3.58 0.02 -4.30
C ALA A 14 -4.71 -0.94 -4.70
N LEU A 15 -4.60 -1.48 -5.89
CA LEU A 15 -5.62 -2.43 -6.41
C LEU A 15 -5.46 -3.77 -5.68
N GLY A 16 -4.27 -4.31 -5.75
CA GLY A 16 -3.96 -5.61 -5.08
C GLY A 16 -4.03 -5.43 -3.56
N CYS A 17 -3.04 -4.76 -3.05
CA CYS A 17 -2.95 -4.49 -1.58
C CYS A 17 -3.79 -3.25 -1.23
N SER A 18 -3.74 -2.89 0.03
CA SER A 18 -4.49 -1.69 0.53
C SER A 18 -3.52 -0.78 1.30
N CYS A 19 -3.97 0.40 1.60
CA CYS A 19 -3.10 1.36 2.36
C CYS A 19 -3.58 1.42 3.81
N LYS A 20 -2.86 0.71 4.64
CA LYS A 20 -3.18 0.64 6.10
C LYS A 20 -1.90 0.82 6.91
N ASN A 21 -2.01 1.56 7.99
CA ASN A 21 -0.84 1.83 8.89
C ASN A 21 0.37 2.31 8.08
N LYS A 22 0.15 3.38 7.36
CA LYS A 22 1.18 4.03 6.48
C LYS A 22 2.07 3.02 5.72
N VAL A 23 1.40 2.06 5.13
CA VAL A 23 2.04 0.98 4.33
C VAL A 23 1.03 0.53 3.26
N CYS A 24 1.47 0.33 2.04
CA CYS A 24 0.53 -0.11 0.95
C CYS A 24 0.49 -1.64 0.87
N TYR A 25 0.21 -2.27 1.99
CA TYR A 25 0.14 -3.77 2.05
C TYR A 25 -1.30 -4.26 2.21
N ARG A 26 -1.50 -5.51 1.90
CA ARG A 26 -2.86 -6.12 2.01
C ARG A 26 -3.02 -6.68 3.43
N ASN A 27 -2.52 -5.91 4.37
CA ASN A 27 -2.57 -6.28 5.82
C ASN A 27 -1.91 -7.65 6.06
N GLY A 28 -0.86 -7.88 5.32
CA GLY A 28 -0.12 -9.17 5.44
C GLY A 28 0.97 -9.38 4.37
N ILE A 29 0.79 -8.78 3.22
CA ILE A 29 1.79 -8.94 2.12
C ILE A 29 2.38 -7.57 1.69
N PRO A 30 3.69 -7.45 1.63
CA PRO A 30 4.36 -6.21 1.19
C PRO A 30 4.30 -6.02 -0.33
N CYS A 1 3.50 -4.86 -0.84
CA CYS A 1 3.21 -4.55 -2.27
C CYS A 1 4.16 -3.42 -2.69
N GLY A 2 4.20 -2.39 -1.86
CA GLY A 2 5.07 -1.22 -2.13
C GLY A 2 5.66 -0.73 -0.82
N GLU A 3 4.95 0.18 -0.19
CA GLU A 3 5.39 0.77 1.11
C GLU A 3 4.45 1.88 1.60
N SER A 4 4.96 2.66 2.53
CA SER A 4 4.18 3.79 3.12
C SER A 4 3.53 4.71 2.09
N CYS A 5 2.26 4.93 2.32
CA CYS A 5 1.42 5.80 1.46
C CYS A 5 1.23 7.16 2.15
N VAL A 6 2.27 7.55 2.83
CA VAL A 6 2.27 8.86 3.57
C VAL A 6 2.43 10.03 2.58
N TRP A 7 3.60 10.09 1.99
CA TRP A 7 3.92 11.16 1.02
C TRP A 7 3.11 11.03 -0.28
N ILE A 8 2.97 9.80 -0.72
CA ILE A 8 2.21 9.50 -1.96
C ILE A 8 1.52 8.11 -1.84
N PRO A 9 0.22 8.05 -2.04
CA PRO A 9 -0.53 6.77 -1.99
C PRO A 9 -0.22 5.89 -3.22
N CYS A 10 -0.31 4.60 -3.01
CA CYS A 10 -0.04 3.61 -4.09
C CYS A 10 -1.19 3.59 -5.11
N ILE A 11 -0.87 3.21 -6.31
CA ILE A 11 -1.88 3.13 -7.42
C ILE A 11 -1.99 1.67 -7.86
N SER A 12 -0.85 1.08 -8.11
CA SER A 12 -0.79 -0.35 -8.55
C SER A 12 -1.38 -1.28 -7.48
N ALA A 13 -1.05 -0.98 -6.25
CA ALA A 13 -1.54 -1.79 -5.10
C ALA A 13 -3.07 -1.88 -5.05
N ALA A 14 -3.72 -0.91 -5.64
CA ALA A 14 -5.23 -0.89 -5.68
C ALA A 14 -5.77 -2.24 -6.15
N LEU A 15 -5.17 -2.74 -7.20
CA LEU A 15 -5.57 -4.04 -7.79
C LEU A 15 -4.73 -5.16 -7.13
N GLY A 16 -4.63 -5.06 -5.83
CA GLY A 16 -3.86 -6.06 -5.03
C GLY A 16 -4.03 -5.76 -3.54
N CYS A 17 -3.05 -5.07 -2.98
CA CYS A 17 -3.09 -4.71 -1.53
C CYS A 17 -3.94 -3.45 -1.27
N SER A 18 -3.75 -2.90 -0.09
CA SER A 18 -4.48 -1.67 0.32
C SER A 18 -3.56 -0.83 1.22
N CYS A 19 -3.88 0.44 1.32
CA CYS A 19 -3.07 1.37 2.16
C CYS A 19 -3.72 1.55 3.53
N LYS A 20 -2.98 1.20 4.54
CA LYS A 20 -3.46 1.31 5.95
C LYS A 20 -2.23 1.43 6.86
N ASN A 21 -2.32 2.35 7.79
CA ASN A 21 -1.21 2.60 8.77
C ASN A 21 0.13 2.76 8.04
N LYS A 22 0.23 3.84 7.32
CA LYS A 22 1.45 4.19 6.52
C LYS A 22 2.17 3.00 5.86
N VAL A 23 1.40 2.12 5.29
CA VAL A 23 1.94 0.91 4.60
C VAL A 23 0.97 0.51 3.46
N CYS A 24 1.48 0.26 2.27
CA CYS A 24 0.57 -0.14 1.14
C CYS A 24 0.51 -1.67 0.99
N TYR A 25 0.41 -2.35 2.12
CA TYR A 25 0.36 -3.83 2.12
C TYR A 25 -1.04 -4.39 2.39
N ARG A 26 -1.18 -5.65 2.05
CA ARG A 26 -2.47 -6.38 2.23
C ARG A 26 -2.45 -7.04 3.62
N ASN A 27 -1.82 -6.34 4.54
CA ASN A 27 -1.69 -6.80 5.96
C ASN A 27 -1.12 -8.22 6.01
N GLY A 28 -0.12 -8.45 5.19
CA GLY A 28 0.53 -9.79 5.13
C GLY A 28 1.63 -9.90 4.07
N ILE A 29 1.59 -9.05 3.07
CA ILE A 29 2.63 -9.09 1.99
C ILE A 29 2.94 -7.66 1.51
N PRO A 30 4.21 -7.30 1.45
CA PRO A 30 4.63 -5.95 1.00
C PRO A 30 4.43 -5.73 -0.50
N CYS A 1 3.79 -5.24 -0.42
CA CYS A 1 3.40 -4.97 -1.84
C CYS A 1 4.29 -3.83 -2.32
N GLY A 2 4.35 -2.80 -1.49
CA GLY A 2 5.18 -1.61 -1.83
C GLY A 2 5.73 -1.03 -0.53
N GLU A 3 5.00 -0.09 0.02
CA GLU A 3 5.39 0.61 1.28
C GLU A 3 4.46 1.81 1.58
N SER A 4 4.91 2.61 2.54
CA SER A 4 4.17 3.83 2.99
C SER A 4 3.43 4.61 1.90
N CYS A 5 2.34 5.16 2.33
CA CYS A 5 1.45 5.96 1.45
C CYS A 5 1.03 7.27 2.14
N VAL A 6 1.92 7.75 2.97
CA VAL A 6 1.67 9.02 3.73
C VAL A 6 1.78 10.20 2.76
N TRP A 7 2.85 10.21 2.02
CA TRP A 7 3.11 11.29 1.02
C TRP A 7 2.16 11.16 -0.18
N ILE A 8 2.11 9.97 -0.71
CA ILE A 8 1.25 9.66 -1.89
C ILE A 8 0.68 8.23 -1.76
N PRO A 9 -0.61 8.05 -1.95
CA PRO A 9 -1.23 6.69 -1.93
C PRO A 9 -0.81 5.85 -3.15
N CYS A 10 -0.84 4.55 -2.94
CA CYS A 10 -0.46 3.58 -4.03
C CYS A 10 -1.48 3.62 -5.16
N ILE A 11 -1.02 3.39 -6.36
CA ILE A 11 -1.89 3.39 -7.58
C ILE A 11 -1.96 1.96 -8.13
N SER A 12 -0.81 1.43 -8.43
CA SER A 12 -0.71 0.04 -8.97
C SER A 12 -1.17 -0.95 -7.90
N ALA A 13 -0.74 -0.68 -6.70
CA ALA A 13 -1.09 -1.54 -5.53
C ALA A 13 -2.50 -1.23 -4.99
N ALA A 14 -3.05 -0.10 -5.39
CA ALA A 14 -4.42 0.31 -4.95
C ALA A 14 -5.47 -0.81 -5.02
N LEU A 15 -5.46 -1.51 -6.12
CA LEU A 15 -6.43 -2.62 -6.34
C LEU A 15 -6.18 -3.81 -5.39
N GLY A 16 -5.26 -4.68 -5.74
CA GLY A 16 -4.95 -5.86 -4.89
C GLY A 16 -4.62 -5.44 -3.46
N CYS A 17 -3.52 -4.75 -3.34
CA CYS A 17 -3.07 -4.25 -2.00
C CYS A 17 -3.96 -3.11 -1.51
N SER A 18 -3.69 -2.68 -0.31
CA SER A 18 -4.47 -1.58 0.32
C SER A 18 -3.55 -0.81 1.28
N CYS A 19 -3.72 0.49 1.31
CA CYS A 19 -2.87 1.34 2.21
C CYS A 19 -3.40 1.27 3.65
N LYS A 20 -2.96 0.24 4.33
CA LYS A 20 -3.37 0.00 5.75
C LYS A 20 -2.17 0.40 6.63
N ASN A 21 -2.48 0.93 7.79
CA ASN A 21 -1.44 1.38 8.77
C ASN A 21 -0.25 2.06 8.06
N LYS A 22 -0.61 3.07 7.30
CA LYS A 22 0.34 3.91 6.50
C LYS A 22 1.44 3.08 5.79
N VAL A 23 0.99 1.99 5.21
CA VAL A 23 1.87 1.05 4.47
C VAL A 23 0.97 0.41 3.37
N CYS A 24 1.47 0.34 2.16
CA CYS A 24 0.66 -0.25 1.03
C CYS A 24 0.93 -1.75 0.87
N TYR A 25 0.40 -2.52 1.80
CA TYR A 25 0.57 -4.01 1.79
C TYR A 25 -0.79 -4.68 1.51
N ARG A 26 -0.72 -5.96 1.22
CA ARG A 26 -1.95 -6.76 0.93
C ARG A 26 -2.05 -7.83 2.02
N ASN A 27 -2.73 -7.45 3.08
CA ASN A 27 -2.92 -8.36 4.26
C ASN A 27 -1.56 -8.73 4.88
N GLY A 28 -0.81 -7.69 5.16
CA GLY A 28 0.53 -7.83 5.78
C GLY A 28 1.67 -8.23 4.82
N ILE A 29 1.38 -8.46 3.56
CA ILE A 29 2.45 -8.85 2.60
C ILE A 29 3.04 -7.57 1.97
N PRO A 30 4.34 -7.42 1.97
CA PRO A 30 5.00 -6.21 1.39
C PRO A 30 4.74 -6.09 -0.11
N CYS A 1 -4.01 -2.93 -3.81
CA CYS A 1 -2.91 -3.94 -3.68
C CYS A 1 -3.13 -4.70 -2.37
N GLY A 2 -3.37 -3.96 -1.32
CA GLY A 2 -3.60 -4.56 0.01
C GLY A 2 -4.60 -3.73 0.79
N GLU A 3 -4.10 -2.72 1.46
CA GLU A 3 -4.95 -1.80 2.28
C GLU A 3 -4.10 -0.74 2.99
N SER A 4 -4.73 -0.05 3.90
CA SER A 4 -4.04 1.03 4.68
C SER A 4 -2.66 0.62 5.23
N CYS A 5 -1.84 1.63 5.27
CA CYS A 5 -0.44 1.52 5.75
C CYS A 5 -0.16 2.63 6.77
N VAL A 6 -1.19 2.95 7.51
CA VAL A 6 -1.11 4.02 8.55
C VAL A 6 -0.12 3.61 9.65
N TRP A 7 -0.39 2.48 10.25
CA TRP A 7 0.48 1.96 11.34
C TRP A 7 1.85 1.54 10.79
N ILE A 8 1.80 0.70 9.80
CA ILE A 8 3.04 0.19 9.14
C ILE A 8 2.82 0.04 7.62
N PRO A 9 3.85 0.24 6.82
CA PRO A 9 3.79 0.06 5.35
C PRO A 9 3.73 -1.43 4.97
N CYS A 10 3.22 -1.69 3.80
CA CYS A 10 3.10 -3.09 3.31
C CYS A 10 4.48 -3.60 2.87
N ILE A 11 4.70 -4.87 3.08
CA ILE A 11 6.01 -5.50 2.70
C ILE A 11 5.92 -6.12 1.29
N SER A 12 4.87 -6.88 1.09
CA SER A 12 4.65 -7.55 -0.22
C SER A 12 4.38 -6.51 -1.30
N ALA A 13 3.37 -5.71 -1.05
CA ALA A 13 2.97 -4.63 -2.00
C ALA A 13 4.02 -3.50 -2.10
N ALA A 14 5.05 -3.58 -1.30
CA ALA A 14 6.13 -2.53 -1.33
C ALA A 14 6.80 -2.51 -2.71
N LEU A 15 7.17 -3.69 -3.15
CA LEU A 15 7.84 -3.87 -4.47
C LEU A 15 6.79 -3.90 -5.59
N GLY A 16 6.27 -2.73 -5.89
CA GLY A 16 5.24 -2.56 -6.95
C GLY A 16 4.35 -1.38 -6.57
N CYS A 17 3.62 -1.59 -5.50
CA CYS A 17 2.69 -0.56 -4.96
C CYS A 17 3.44 0.41 -4.05
N SER A 18 2.83 1.55 -3.82
CA SER A 18 3.44 2.59 -2.94
C SER A 18 2.37 3.18 -2.01
N CYS A 19 2.69 3.27 -0.75
CA CYS A 19 1.73 3.82 0.24
C CYS A 19 1.48 5.32 0.05
N LYS A 20 0.21 5.66 0.02
CA LYS A 20 -0.22 7.08 -0.15
C LYS A 20 -1.66 7.19 0.38
N ASN A 21 -1.86 8.15 1.25
CA ASN A 21 -3.19 8.42 1.87
C ASN A 21 -3.84 7.15 2.45
N LYS A 22 -3.33 6.76 3.59
CA LYS A 22 -3.80 5.55 4.35
C LYS A 22 -4.24 4.35 3.48
N VAL A 23 -3.50 4.09 2.43
CA VAL A 23 -3.78 2.97 1.50
C VAL A 23 -2.44 2.52 0.89
N CYS A 24 -2.21 1.22 0.81
CA CYS A 24 -0.92 0.72 0.23
C CYS A 24 -1.20 0.13 -1.17
N TYR A 25 -1.78 0.98 -1.97
CA TYR A 25 -2.18 0.67 -3.38
C TYR A 25 -1.11 1.11 -4.38
N ARG A 26 -1.31 0.72 -5.61
CA ARG A 26 -0.36 1.07 -6.70
C ARG A 26 -0.89 2.36 -7.36
N ASN A 27 -1.37 3.22 -6.50
CA ASN A 27 -1.94 4.54 -6.92
C ASN A 27 -3.06 4.38 -7.96
N GLY A 28 -3.87 3.37 -7.75
CA GLY A 28 -5.00 3.09 -8.69
C GLY A 28 -5.69 1.75 -8.46
N ILE A 29 -4.92 0.75 -8.06
CA ILE A 29 -5.50 -0.62 -7.81
C ILE A 29 -5.31 -1.02 -6.34
N PRO A 30 -6.31 -1.61 -5.71
CA PRO A 30 -6.19 -2.10 -4.32
C PRO A 30 -5.19 -3.26 -4.25
N CYS A 1 -3.95 -2.92 -3.80
CA CYS A 1 -2.90 -3.96 -3.56
C CYS A 1 -3.18 -4.68 -2.25
N GLY A 2 -3.50 -3.91 -1.23
CA GLY A 2 -3.79 -4.49 0.11
C GLY A 2 -4.79 -3.61 0.84
N GLU A 3 -4.26 -2.59 1.49
CA GLU A 3 -5.10 -1.62 2.27
C GLU A 3 -4.20 -0.61 3.00
N SER A 4 -4.81 0.12 3.90
CA SER A 4 -4.08 1.15 4.70
C SER A 4 -2.73 0.70 5.24
N CYS A 5 -1.84 1.67 5.20
CA CYS A 5 -0.45 1.48 5.67
C CYS A 5 -0.19 2.42 6.86
N VAL A 6 -1.24 2.58 7.63
CA VAL A 6 -1.20 3.45 8.85
C VAL A 6 -0.53 2.69 10.00
N TRP A 7 -1.22 1.67 10.46
CA TRP A 7 -0.71 0.83 11.58
C TRP A 7 0.62 0.16 11.20
N ILE A 8 0.64 -0.34 9.99
CA ILE A 8 1.85 -1.02 9.45
C ILE A 8 1.84 -0.90 7.91
N PRO A 9 2.88 -0.33 7.34
CA PRO A 9 3.04 -0.27 5.86
C PRO A 9 3.36 -1.64 5.27
N CYS A 10 2.86 -1.86 4.07
CA CYS A 10 3.09 -3.16 3.37
C CYS A 10 4.56 -3.29 2.97
N ILE A 11 5.03 -4.52 2.95
CA ILE A 11 6.45 -4.82 2.57
C ILE A 11 6.48 -5.39 1.16
N SER A 12 5.56 -6.28 0.90
CA SER A 12 5.46 -6.95 -0.43
C SER A 12 4.97 -5.92 -1.46
N ALA A 13 3.80 -5.37 -1.17
CA ALA A 13 3.19 -4.36 -2.05
C ALA A 13 4.07 -3.10 -2.15
N ALA A 14 4.88 -2.88 -1.14
CA ALA A 14 5.78 -1.68 -1.13
C ALA A 14 6.64 -1.61 -2.40
N LEU A 15 6.89 -2.76 -2.97
CA LEU A 15 7.70 -2.85 -4.21
C LEU A 15 6.93 -2.23 -5.39
N GLY A 16 6.02 -2.97 -5.95
CA GLY A 16 5.20 -2.46 -7.10
C GLY A 16 4.34 -1.27 -6.66
N CYS A 17 3.54 -1.53 -5.66
CA CYS A 17 2.64 -0.48 -5.09
C CYS A 17 3.44 0.51 -4.24
N SER A 18 2.79 1.59 -3.89
CA SER A 18 3.45 2.65 -3.06
C SER A 18 2.41 3.26 -2.11
N CYS A 19 2.71 3.23 -0.84
CA CYS A 19 1.77 3.79 0.18
C CYS A 19 1.54 5.29 -0.02
N LYS A 20 0.29 5.64 -0.05
CA LYS A 20 -0.11 7.07 -0.24
C LYS A 20 -1.52 7.25 0.36
N ASN A 21 -1.62 8.20 1.26
CA ASN A 21 -2.91 8.53 1.95
C ASN A 21 -3.58 7.26 2.51
N LYS A 22 -2.99 6.78 3.59
CA LYS A 22 -3.47 5.55 4.32
C LYS A 22 -4.04 4.43 3.43
N VAL A 23 -3.30 4.13 2.39
CA VAL A 23 -3.67 3.07 1.41
C VAL A 23 -2.34 2.52 0.85
N CYS A 24 -2.14 1.21 0.81
CA CYS A 24 -0.84 0.69 0.26
C CYS A 24 -1.06 0.17 -1.17
N TYR A 25 -1.76 0.98 -1.92
CA TYR A 25 -2.11 0.71 -3.34
C TYR A 25 -1.05 1.25 -4.28
N ARG A 26 -1.15 0.87 -5.52
CA ARG A 26 -0.18 1.33 -6.56
C ARG A 26 -0.75 2.63 -7.16
N ASN A 27 -1.36 3.40 -6.29
CA ASN A 27 -1.98 4.71 -6.67
C ASN A 27 -2.93 4.51 -7.86
N GLY A 28 -3.66 3.43 -7.80
CA GLY A 28 -4.64 3.10 -8.88
C GLY A 28 -5.26 1.71 -8.74
N ILE A 29 -4.56 0.79 -8.12
CA ILE A 29 -5.08 -0.60 -7.93
C ILE A 29 -5.00 -1.01 -6.44
N PRO A 30 -6.06 -1.57 -5.90
CA PRO A 30 -6.05 -2.04 -4.48
C PRO A 30 -5.11 -3.23 -4.32
N CYS A 1 -3.64 -3.35 -3.82
CA CYS A 1 -2.50 -4.29 -3.57
C CYS A 1 -2.80 -4.94 -2.22
N GLY A 2 -3.11 -4.08 -1.27
CA GLY A 2 -3.43 -4.52 0.10
C GLY A 2 -4.42 -3.51 0.67
N GLU A 3 -3.85 -2.51 1.31
CA GLU A 3 -4.62 -1.39 1.96
C GLU A 3 -3.68 -0.50 2.79
N SER A 4 -4.28 0.21 3.71
CA SER A 4 -3.56 1.14 4.64
C SER A 4 -2.18 0.67 5.09
N CYS A 5 -1.34 1.66 5.16
CA CYS A 5 0.08 1.49 5.57
C CYS A 5 0.44 2.58 6.60
N VAL A 6 -0.57 2.94 7.34
CA VAL A 6 -0.43 3.98 8.40
C VAL A 6 0.37 3.45 9.59
N TRP A 7 -0.20 2.45 10.22
CA TRP A 7 0.43 1.79 11.40
C TRP A 7 1.72 1.05 11.06
N ILE A 8 1.64 0.26 10.01
CA ILE A 8 2.80 -0.54 9.54
C ILE A 8 2.94 -0.47 8.01
N PRO A 9 4.10 -0.83 7.49
CA PRO A 9 4.31 -0.94 6.01
C PRO A 9 3.48 -2.11 5.43
N CYS A 10 3.36 -2.09 4.13
CA CYS A 10 2.59 -3.16 3.41
C CYS A 10 3.37 -4.48 3.32
N ILE A 11 2.67 -5.49 2.87
CA ILE A 11 3.27 -6.86 2.71
C ILE A 11 3.74 -7.01 1.27
N SER A 12 2.89 -6.57 0.36
CA SER A 12 3.19 -6.64 -1.09
C SER A 12 4.26 -5.59 -1.49
N ALA A 13 3.84 -4.52 -2.12
CA ALA A 13 4.77 -3.42 -2.55
C ALA A 13 5.79 -3.86 -3.63
N ALA A 14 5.86 -5.14 -3.88
CA ALA A 14 6.81 -5.68 -4.89
C ALA A 14 6.41 -5.22 -6.29
N LEU A 15 5.12 -5.25 -6.54
CA LEU A 15 4.57 -4.82 -7.86
C LEU A 15 4.88 -3.34 -8.10
N GLY A 16 4.92 -2.60 -7.02
CA GLY A 16 5.20 -1.14 -7.05
C GLY A 16 4.11 -0.38 -6.30
N CYS A 17 3.49 -1.05 -5.35
CA CYS A 17 2.40 -0.41 -4.56
C CYS A 17 2.97 0.75 -3.73
N SER A 18 2.60 1.94 -4.13
CA SER A 18 3.06 3.17 -3.43
C SER A 18 2.06 3.53 -2.31
N CYS A 19 2.60 3.72 -1.13
CA CYS A 19 1.73 4.08 0.03
C CYS A 19 1.38 5.57 0.01
N LYS A 20 0.17 5.84 -0.41
CA LYS A 20 -0.33 7.25 -0.49
C LYS A 20 -1.78 7.28 0.02
N ASN A 21 -2.12 8.37 0.66
CA ASN A 21 -3.50 8.57 1.22
C ASN A 21 -3.92 7.35 2.06
N LYS A 22 -3.10 7.10 3.05
CA LYS A 22 -3.29 5.95 4.01
C LYS A 22 -3.82 4.65 3.37
N VAL A 23 -3.26 4.36 2.23
CA VAL A 23 -3.61 3.13 1.45
C VAL A 23 -2.37 2.71 0.67
N CYS A 24 -2.14 1.42 0.58
CA CYS A 24 -0.95 0.91 -0.18
C CYS A 24 -1.41 0.19 -1.44
N TYR A 25 -1.62 0.97 -2.48
CA TYR A 25 -2.08 0.47 -3.80
C TYR A 25 -1.03 0.81 -4.86
N ARG A 26 -1.20 0.23 -6.03
CA ARG A 26 -0.25 0.47 -7.16
C ARG A 26 -0.84 1.61 -8.01
N ASN A 27 -1.36 2.58 -7.31
CA ASN A 27 -1.99 3.79 -7.93
C ASN A 27 -3.11 3.42 -8.91
N GLY A 28 -3.92 2.45 -8.51
CA GLY A 28 -5.04 2.02 -9.39
C GLY A 28 -5.60 0.64 -9.03
N ILE A 29 -4.78 -0.20 -8.43
CA ILE A 29 -5.23 -1.58 -8.03
C ILE A 29 -5.06 -1.77 -6.51
N PRO A 30 -6.01 -2.38 -5.86
CA PRO A 30 -5.88 -2.71 -4.41
C PRO A 30 -4.82 -3.79 -4.20
N CYS A 1 -4.09 -2.80 -3.99
CA CYS A 1 -3.02 -3.84 -3.87
C CYS A 1 -3.29 -4.60 -2.57
N GLY A 2 -3.46 -3.83 -1.51
CA GLY A 2 -3.74 -4.41 -0.17
C GLY A 2 -4.72 -3.49 0.56
N GLU A 3 -4.15 -2.54 1.27
CA GLU A 3 -4.93 -1.54 2.05
C GLU A 3 -4.01 -0.64 2.87
N SER A 4 -4.60 0.09 3.78
CA SER A 4 -3.87 1.04 4.68
C SER A 4 -2.52 0.53 5.19
N CYS A 5 -1.64 1.49 5.30
CA CYS A 5 -0.25 1.27 5.76
C CYS A 5 0.05 2.22 6.94
N VAL A 6 -0.99 2.47 7.69
CA VAL A 6 -0.90 3.36 8.88
C VAL A 6 -0.30 2.58 10.07
N TRP A 7 -1.09 1.67 10.57
CA TRP A 7 -0.69 0.81 11.72
C TRP A 7 0.62 0.08 11.44
N ILE A 8 0.69 -0.41 10.23
CA ILE A 8 1.88 -1.16 9.76
C ILE A 8 2.01 -0.95 8.22
N PRO A 9 3.07 -0.33 7.78
CA PRO A 9 3.32 -0.13 6.32
C PRO A 9 3.55 -1.47 5.62
N CYS A 10 3.07 -1.56 4.40
CA CYS A 10 3.23 -2.81 3.60
C CYS A 10 4.72 -3.09 3.36
N ILE A 11 5.03 -4.35 3.19
CA ILE A 11 6.44 -4.79 2.94
C ILE A 11 6.58 -5.28 1.50
N SER A 12 5.71 -6.19 1.13
CA SER A 12 5.72 -6.77 -0.24
C SER A 12 5.27 -5.71 -1.26
N ALA A 13 4.08 -5.21 -1.04
CA ALA A 13 3.49 -4.18 -1.92
C ALA A 13 4.28 -2.87 -1.90
N ALA A 14 5.20 -2.76 -0.97
CA ALA A 14 6.05 -1.52 -0.85
C ALA A 14 6.81 -1.25 -2.16
N LEU A 15 7.41 -2.29 -2.69
CA LEU A 15 8.17 -2.18 -3.96
C LEU A 15 7.24 -1.93 -5.15
N GLY A 16 6.45 -2.92 -5.47
CA GLY A 16 5.49 -2.82 -6.61
C GLY A 16 4.55 -1.63 -6.43
N CYS A 17 3.67 -1.75 -5.47
CA CYS A 17 2.69 -0.67 -5.16
C CYS A 17 3.40 0.45 -4.37
N SER A 18 2.64 1.41 -3.92
CA SER A 18 3.24 2.55 -3.13
C SER A 18 2.22 3.08 -2.11
N CYS A 19 2.65 3.19 -0.88
CA CYS A 19 1.75 3.69 0.19
C CYS A 19 1.53 5.21 0.07
N LYS A 20 0.28 5.58 -0.01
CA LYS A 20 -0.11 7.02 -0.13
C LYS A 20 -1.54 7.17 0.40
N ASN A 21 -1.73 8.23 1.17
CA ASN A 21 -3.08 8.53 1.77
C ASN A 21 -3.65 7.30 2.50
N LYS A 22 -2.91 6.89 3.50
CA LYS A 22 -3.25 5.70 4.36
C LYS A 22 -3.86 4.52 3.59
N VAL A 23 -3.25 4.22 2.47
CA VAL A 23 -3.69 3.11 1.59
C VAL A 23 -2.44 2.58 0.85
N CYS A 24 -2.29 1.28 0.76
CA CYS A 24 -1.09 0.71 0.05
C CYS A 24 -1.49 0.19 -1.33
N TYR A 25 -1.89 1.11 -2.17
CA TYR A 25 -2.30 0.76 -3.57
C TYR A 25 -1.22 1.18 -4.54
N ARG A 26 -1.32 0.69 -5.74
CA ARG A 26 -0.31 1.04 -6.80
C ARG A 26 -0.80 2.30 -7.52
N ASN A 27 -1.44 3.14 -6.75
CA ASN A 27 -2.01 4.44 -7.24
C ASN A 27 -2.86 4.21 -8.49
N GLY A 28 -3.77 3.27 -8.37
CA GLY A 28 -4.67 2.94 -9.50
C GLY A 28 -5.57 1.72 -9.23
N ILE A 29 -5.09 0.81 -8.42
CA ILE A 29 -5.90 -0.41 -8.09
C ILE A 29 -5.53 -0.90 -6.68
N PRO A 30 -6.47 -1.47 -5.96
CA PRO A 30 -6.25 -1.92 -4.56
C PRO A 30 -5.26 -3.09 -4.51
N CYS A 1 -4.11 -2.84 -4.00
CA CYS A 1 -2.99 -3.84 -3.90
C CYS A 1 -3.17 -4.57 -2.57
N GLY A 2 -3.38 -3.80 -1.53
CA GLY A 2 -3.58 -4.37 -0.18
C GLY A 2 -4.57 -3.49 0.59
N GLU A 3 -4.03 -2.51 1.27
CA GLU A 3 -4.83 -1.54 2.09
C GLU A 3 -3.91 -0.62 2.92
N SER A 4 -4.52 0.07 3.85
CA SER A 4 -3.79 1.01 4.75
C SER A 4 -2.44 0.55 5.29
N CYS A 5 -1.61 1.56 5.43
CA CYS A 5 -0.22 1.41 5.92
C CYS A 5 0.01 2.34 7.12
N VAL A 6 -1.07 2.57 7.82
CA VAL A 6 -1.03 3.45 9.02
C VAL A 6 -0.46 2.65 10.20
N TRP A 7 -1.20 1.64 10.59
CA TRP A 7 -0.80 0.76 11.72
C TRP A 7 0.21 -0.31 11.26
N ILE A 8 -0.07 -0.84 10.10
CA ILE A 8 0.77 -1.90 9.49
C ILE A 8 1.19 -1.51 8.05
N PRO A 9 2.30 -0.81 7.91
CA PRO A 9 2.88 -0.48 6.58
C PRO A 9 3.18 -1.73 5.74
N CYS A 10 2.94 -1.60 4.46
CA CYS A 10 3.19 -2.72 3.51
C CYS A 10 4.69 -3.01 3.35
N ILE A 11 4.97 -4.18 2.81
CA ILE A 11 6.37 -4.62 2.58
C ILE A 11 6.47 -5.14 1.15
N SER A 12 5.66 -6.13 0.86
CA SER A 12 5.63 -6.74 -0.49
C SER A 12 5.02 -5.72 -1.47
N ALA A 13 3.87 -5.24 -1.09
CA ALA A 13 3.14 -4.23 -1.92
C ALA A 13 3.96 -2.94 -2.01
N ALA A 14 4.69 -2.65 -0.97
CA ALA A 14 5.54 -1.41 -0.93
C ALA A 14 6.48 -1.32 -2.16
N LEU A 15 6.84 -2.48 -2.68
CA LEU A 15 7.73 -2.55 -3.86
C LEU A 15 6.98 -2.11 -5.13
N GLY A 16 6.15 -2.98 -5.64
CA GLY A 16 5.36 -2.67 -6.87
C GLY A 16 4.43 -1.48 -6.59
N CYS A 17 3.57 -1.68 -5.62
CA CYS A 17 2.61 -0.63 -5.20
C CYS A 17 3.36 0.42 -4.35
N SER A 18 2.64 1.42 -3.91
CA SER A 18 3.27 2.50 -3.09
C SER A 18 2.25 3.03 -2.06
N CYS A 19 2.69 3.12 -0.83
CA CYS A 19 1.79 3.62 0.25
C CYS A 19 1.59 5.14 0.13
N LYS A 20 0.35 5.51 0.07
CA LYS A 20 -0.04 6.95 -0.06
C LYS A 20 -1.51 7.08 0.34
N ASN A 21 -1.81 8.15 1.03
CA ASN A 21 -3.22 8.42 1.49
C ASN A 21 -3.73 7.20 2.28
N LYS A 22 -2.95 6.84 3.27
CA LYS A 22 -3.22 5.69 4.18
C LYS A 22 -3.81 4.45 3.47
N VAL A 23 -3.21 4.14 2.34
CA VAL A 23 -3.63 2.98 1.51
C VAL A 23 -2.38 2.45 0.76
N CYS A 24 -2.22 1.16 0.66
CA CYS A 24 -1.04 0.58 -0.05
C CYS A 24 -1.44 0.17 -1.47
N TYR A 25 -1.89 1.12 -2.25
CA TYR A 25 -2.31 0.87 -3.66
C TYR A 25 -1.25 1.27 -4.67
N ARG A 26 -1.43 0.82 -5.88
CA ARG A 26 -0.47 1.15 -6.99
C ARG A 26 -1.07 2.36 -7.72
N ASN A 27 -1.38 3.36 -6.94
CA ASN A 27 -1.98 4.63 -7.44
C ASN A 27 -3.21 4.40 -8.34
N GLY A 28 -4.01 3.43 -7.97
CA GLY A 28 -5.23 3.12 -8.76
C GLY A 28 -5.86 1.75 -8.47
N ILE A 29 -5.02 0.77 -8.19
CA ILE A 29 -5.52 -0.61 -7.89
C ILE A 29 -5.42 -0.91 -6.39
N PRO A 30 -6.42 -1.54 -5.80
CA PRO A 30 -6.32 -2.06 -4.42
C PRO A 30 -5.31 -3.20 -4.38
N CYS A 1 -4.04 -2.87 -3.94
CA CYS A 1 -2.93 -3.86 -3.85
C CYS A 1 -3.03 -4.58 -2.51
N GLY A 2 -3.26 -3.81 -1.47
CA GLY A 2 -3.39 -4.39 -0.11
C GLY A 2 -4.38 -3.58 0.72
N GLU A 3 -3.85 -2.58 1.38
CA GLU A 3 -4.69 -1.68 2.25
C GLU A 3 -3.83 -0.65 2.99
N SER A 4 -4.48 0.04 3.90
CA SER A 4 -3.82 1.10 4.72
C SER A 4 -2.47 0.72 5.32
N CYS A 5 -1.69 1.77 5.39
CA CYS A 5 -0.30 1.74 5.93
C CYS A 5 -0.23 2.44 7.29
N VAL A 6 -1.36 2.44 7.96
CA VAL A 6 -1.48 3.07 9.30
C VAL A 6 -0.99 2.08 10.37
N TRP A 7 -1.74 1.02 10.51
CA TRP A 7 -1.42 -0.05 11.50
C TRP A 7 -0.03 -0.63 11.21
N ILE A 8 0.19 -0.82 9.93
CA ILE A 8 1.47 -1.39 9.43
C ILE A 8 1.59 -1.07 7.92
N PRO A 9 2.65 -0.42 7.50
CA PRO A 9 2.95 -0.23 6.05
C PRO A 9 3.29 -1.58 5.40
N CYS A 10 2.95 -1.70 4.15
CA CYS A 10 3.23 -2.96 3.41
C CYS A 10 4.75 -3.18 3.21
N ILE A 11 5.06 -4.33 2.68
CA ILE A 11 6.48 -4.73 2.40
C ILE A 11 6.53 -5.29 0.98
N SER A 12 5.73 -6.31 0.77
CA SER A 12 5.66 -6.97 -0.56
C SER A 12 5.05 -5.99 -1.57
N ALA A 13 3.87 -5.53 -1.23
CA ALA A 13 3.13 -4.57 -2.09
C ALA A 13 3.87 -3.22 -2.14
N ALA A 14 4.53 -2.88 -1.07
CA ALA A 14 5.29 -1.59 -1.01
C ALA A 14 6.29 -1.45 -2.18
N LEU A 15 6.74 -2.58 -2.67
CA LEU A 15 7.71 -2.59 -3.81
C LEU A 15 7.02 -2.12 -5.10
N GLY A 16 6.21 -2.99 -5.67
CA GLY A 16 5.48 -2.66 -6.93
C GLY A 16 4.52 -1.49 -6.66
N CYS A 17 3.65 -1.71 -5.71
CA CYS A 17 2.64 -0.69 -5.32
C CYS A 17 3.32 0.39 -4.46
N SER A 18 2.52 1.26 -3.90
CA SER A 18 3.05 2.36 -3.04
C SER A 18 2.05 2.69 -1.92
N CYS A 19 2.61 3.20 -0.85
CA CYS A 19 1.77 3.57 0.33
C CYS A 19 1.60 5.09 0.35
N LYS A 20 0.42 5.50 -0.03
CA LYS A 20 0.06 6.96 -0.08
C LYS A 20 -1.35 7.12 0.49
N ASN A 21 -1.53 8.18 1.25
CA ASN A 21 -2.84 8.49 1.89
C ASN A 21 -3.44 7.25 2.57
N LYS A 22 -2.71 6.79 3.57
CA LYS A 22 -3.10 5.59 4.38
C LYS A 22 -3.73 4.45 3.55
N VAL A 23 -3.10 4.16 2.44
CA VAL A 23 -3.56 3.08 1.51
C VAL A 23 -2.32 2.50 0.77
N CYS A 24 -2.19 1.20 0.72
CA CYS A 24 -1.01 0.59 0.01
C CYS A 24 -1.47 0.13 -1.38
N TYR A 25 -1.78 1.10 -2.20
CA TYR A 25 -2.26 0.82 -3.60
C TYR A 25 -1.24 1.25 -4.65
N ARG A 26 -1.39 0.69 -5.83
CA ARG A 26 -0.48 1.00 -6.96
C ARG A 26 -1.24 1.95 -7.89
N ASN A 27 -1.43 3.15 -7.38
CA ASN A 27 -2.16 4.23 -8.09
C ASN A 27 -3.64 3.86 -8.32
N GLY A 28 -4.40 4.00 -7.25
CA GLY A 28 -5.86 3.70 -7.27
C GLY A 28 -6.26 2.21 -7.31
N ILE A 29 -5.36 1.34 -7.69
CA ILE A 29 -5.72 -0.12 -7.73
C ILE A 29 -5.43 -0.78 -6.37
N PRO A 30 -6.39 -1.48 -5.79
CA PRO A 30 -6.24 -2.06 -4.44
C PRO A 30 -5.21 -3.20 -4.44
#